data_5MCR
#
_entry.id   5MCR
#
_entity_poly.entity_id   1
_entity_poly.type   'polydeoxyribonucleotide'
_entity_poly.pdbx_seq_one_letter_code
;(GF0)(DG)(DG)(DA)(DT)(GF2)(DG)(DG)(DA)(DC)(DA)(DC)(DA)(DG)(DG)(DG)(DG)(DA)(DC)
(GF2)(DG)(DG)
;
_entity_poly.pdbx_strand_id   A
#
loop_
_chem_comp.id
_chem_comp.type
_chem_comp.name
_chem_comp.formula
DA DNA linking 2'-DEOXYADENOSINE-5'-MONOPHOSPHATE 'C10 H14 N5 O6 P'
DC DNA linking 2'-DEOXYCYTIDINE-5'-MONOPHOSPHATE 'C9 H14 N3 O7 P'
DG DNA linking 2'-DEOXYGUANOSINE-5'-MONOPHOSPHATE 'C10 H14 N5 O7 P'
DT DNA linking THYMIDINE-5'-MONOPHOSPHATE 'C10 H15 N2 O8 P'
GF0 non-polymer 2'-deoxy-2'-fluoroguanosine 'C10 H12 F N5 O4'
GF2 DNA linking '2'-deoxy-2'-fluoroguanosine 5'-(dihydrogen phosphate)' 'C10 H13 F N5 O7 P'
#
# COMPACT_ATOMS: atom_id res chain seq x y z
F GF0 A 1 0.07 9.63 -0.21
N1 GF0 A 1 0.59 3.26 1.02
C2 GF0 A 1 -0.10 4.27 0.41
N2 GF0 A 1 -1.25 3.98 -0.13
N3 GF0 A 1 0.32 5.53 0.32
C4 GF0 A 1 1.52 5.74 0.92
C5 GF0 A 1 2.29 4.80 1.58
C6 GF0 A 1 1.81 3.45 1.63
O6 GF0 A 1 2.37 2.46 2.12
N7 GF0 A 1 3.47 5.38 2.04
C8 GF0 A 1 3.40 6.62 1.66
N9 GF0 A 1 2.23 6.92 0.97
C1' GF0 A 1 1.88 8.18 0.26
C2' GF0 A 1 0.61 8.85 0.80
C3' GF0 A 1 1.18 9.69 1.94
O3' GF0 A 1 0.37 10.82 2.23
C4' GF0 A 1 2.54 10.10 1.38
O4' GF0 A 1 2.94 9.11 0.45
C5' GF0 A 1 3.61 10.26 2.48
O5' GF0 A 1 3.31 11.30 3.41
HN1 GF0 A 1 0.23 2.32 1.00
HN2 GF0 A 1 -1.64 3.04 -0.09
HN2A GF0 A 1 -1.77 4.72 -0.57
H8 GF0 A 1 4.19 7.32 1.83
H1' GF0 A 1 1.77 7.95 -0.80
H2' GF0 A 1 -0.14 8.13 1.14
H3' GF0 A 1 1.31 9.04 2.81
H4' GF0 A 1 2.43 11.05 0.86
H5'A GF0 A 1 3.73 9.32 3.02
H5' GF0 A 1 4.57 10.49 1.99
H5T GF0 A 1 2.51 11.06 3.91
F GF2 A 6 -6.79 -1.29 -0.37
P GF2 A 6 -8.06 3.44 -3.55
N1 GF2 A 6 -0.92 -1.56 0.52
C2 GF2 A 6 -1.77 -2.45 -0.06
N2 GF2 A 6 -1.48 -3.72 0.03
N3 GF2 A 6 -2.89 -2.13 -0.70
C4 GF2 A 6 -3.10 -0.78 -0.77
C5 GF2 A 6 -2.30 0.20 -0.23
C6 GF2 A 6 -1.11 -0.19 0.47
O6 GF2 A 6 -0.27 0.53 1.01
N7 GF2 A 6 -2.81 1.48 -0.52
C8 GF2 A 6 -3.89 1.22 -1.21
N9 GF2 A 6 -4.14 -0.12 -1.39
C1' GF2 A 6 -5.24 -0.76 -2.15
OP2 GF2 A 6 -9.28 3.27 -4.37
C2' GF2 A 6 -6.60 -0.53 -1.51
OP1 GF2 A 6 -6.98 4.34 -4.05
C3' GF2 A 6 -7.53 -0.87 -2.68
O3' GF2 A 6 -7.72 -2.25 -2.91
C4' GF2 A 6 -6.71 -0.29 -3.86
O4' GF2 A 6 -5.34 -0.19 -3.45
C5' GF2 A 6 -7.23 1.07 -4.34
O5' GF2 A 6 -7.39 2.00 -3.28
HN1 GF2 A 6 -0.09 -1.88 0.97
HN2 GF2 A 6 -0.63 -4.04 0.49
HN2A GF2 A 6 -2.10 -4.38 -0.39
H8 GF2 A 6 -4.53 1.99 -1.63
H1' GF2 A 6 -5.06 -1.84 -2.23
H2' GF2 A 6 -6.71 0.53 -1.26
H3' GF2 A 6 -8.49 -0.35 -2.61
H4' GF2 A 6 -6.76 -0.99 -4.70
H5' GF2 A 6 -8.19 0.90 -4.83
H5'A GF2 A 6 -6.53 1.47 -5.08
F GF2 A 20 2.16 -9.78 2.77
P GF2 A 20 2.43 -7.81 -3.93
N1 GF2 A 20 3.70 -3.10 1.92
C2 GF2 A 20 4.61 -4.10 2.02
N2 GF2 A 20 5.84 -3.79 2.34
N3 GF2 A 20 4.34 -5.39 1.83
C4 GF2 A 20 3.04 -5.62 1.54
C5 GF2 A 20 2.04 -4.68 1.42
C6 GF2 A 20 2.38 -3.30 1.60
O6 GF2 A 20 1.65 -2.32 1.51
N7 GF2 A 20 0.82 -5.29 1.12
C8 GF2 A 20 1.12 -6.57 1.09
N9 GF2 A 20 2.45 -6.84 1.30
C1' GF2 A 20 3.18 -8.14 1.32
OP2 GF2 A 20 1.14 -8.55 -4.07
C2' GF2 A 20 2.27 -9.38 1.45
OP1 GF2 A 20 3.32 -7.72 -5.11
C3' GF2 A 20 2.92 -10.42 0.53
O3' GF2 A 20 3.70 -11.40 1.22
C4' GF2 A 20 3.59 -9.51 -0.52
O4' GF2 A 20 3.93 -8.28 0.12
C5' GF2 A 20 2.62 -9.20 -1.68
O5' GF2 A 20 3.26 -8.48 -2.72
HN1 GF2 A 20 3.99 -2.14 2.07
HN2 GF2 A 20 6.11 -2.84 2.55
HN2A GF2 A 20 6.49 -4.55 2.46
H8 GF2 A 20 0.37 -7.33 0.89
H1' GF2 A 20 3.88 -8.14 2.16
H2' GF2 A 20 1.28 -9.17 1.06
H3' GF2 A 20 2.11 -10.97 0.05
H4' GF2 A 20 4.47 -9.98 -0.95
H5' GF2 A 20 1.78 -8.62 -1.30
H5'A GF2 A 20 2.24 -10.14 -2.08
F GF0 A 1 -0.04 9.56 0.36
N1 GF0 A 1 0.79 3.48 1.27
C2 GF0 A 1 0.08 4.53 0.77
N2 GF0 A 1 -1.06 4.26 0.19
N3 GF0 A 1 0.47 5.79 0.80
C4 GF0 A 1 1.68 5.97 1.40
C5 GF0 A 1 2.48 4.98 1.94
C6 GF0 A 1 2.03 3.62 1.87
O6 GF0 A 1 2.61 2.61 2.25
N7 GF0 A 1 3.67 5.53 2.42
C8 GF0 A 1 3.55 6.81 2.18
N9 GF0 A 1 2.36 7.15 1.57
C1' GF0 A 1 1.96 8.47 0.99
C2' GF0 A 1 0.59 8.99 1.46
C3' GF0 A 1 0.96 10.06 2.51
O3' GF0 A 1 0.00 11.11 2.59
C4' GF0 A 1 2.27 10.57 1.92
O4' GF0 A 1 2.94 9.45 1.35
C5' GF0 A 1 3.17 11.28 2.95
O5' GF0 A 1 3.57 10.42 4.01
HN1 GF0 A 1 0.45 2.54 1.17
HN2 GF0 A 1 -1.43 3.32 0.14
HN2A GF0 A 1 -1.58 5.04 -0.18
H8 GF0 A 1 4.33 7.52 2.41
H1' GF0 A 1 1.93 8.36 -0.09
H2' GF0 A 1 -0.05 8.22 1.89
H3' GF0 A 1 1.13 9.58 3.47
H4' GF0 A 1 2.03 11.28 1.13
H5'A GF0 A 1 4.05 11.67 2.44
H5' GF0 A 1 2.62 12.12 3.37
H5T GF0 A 1 4.16 9.72 3.66
F GF2 A 6 -6.47 -1.11 -0.10
P GF2 A 6 -8.99 3.78 -3.48
N1 GF2 A 6 -0.73 -1.35 0.64
C2 GF2 A 6 -1.60 -2.20 0.06
N2 GF2 A 6 -1.33 -3.49 0.15
N3 GF2 A 6 -2.72 -1.84 -0.56
C4 GF2 A 6 -2.88 -0.49 -0.62
C5 GF2 A 6 -2.03 0.46 -0.10
C6 GF2 A 6 -0.86 0.03 0.60
O6 GF2 A 6 0.00 0.71 1.14
N7 GF2 A 6 -2.50 1.75 -0.39
C8 GF2 A 6 -3.60 1.54 -1.06
N9 GF2 A 6 -3.91 0.22 -1.22
C1' GF2 A 6 -5.08 -0.36 -1.92
OP2 GF2 A 6 -10.44 3.68 -3.80
C2' GF2 A 6 -6.36 -0.17 -1.11
OP1 GF2 A 6 -8.12 4.57 -4.37
C3' GF2 A 6 -7.43 -0.25 -2.20
O3' GF2 A 6 -7.70 -1.58 -2.67
C4' GF2 A 6 -6.72 0.53 -3.31
O4' GF2 A 6 -5.31 0.33 -3.15
C5' GF2 A 6 -7.01 2.03 -3.25
O5' GF2 A 6 -8.41 2.28 -3.39
HN1 GF2 A 6 0.09 -1.70 1.11
HN2 GF2 A 6 -0.48 -3.83 0.60
HN2A GF2 A 6 -1.97 -4.13 -0.26
H8 GF2 A 6 -4.19 2.34 -1.47
H1' GF2 A 6 -4.93 -1.42 -2.11
H2' GF2 A 6 -6.37 0.83 -0.67
H3' GF2 A 6 -8.34 0.24 -1.89
H4' GF2 A 6 -7.05 0.15 -4.29
H5' GF2 A 6 -6.47 2.52 -4.06
H5'A GF2 A 6 -6.67 2.44 -2.31
F GF2 A 20 1.97 -9.68 2.25
P GF2 A 20 1.40 -7.64 -3.18
N1 GF2 A 20 3.79 -3.05 2.19
C2 GF2 A 20 4.70 -4.04 2.27
N2 GF2 A 20 5.91 -3.75 2.66
N3 GF2 A 20 4.44 -5.32 2.02
C4 GF2 A 20 3.15 -5.55 1.65
C5 GF2 A 20 2.15 -4.60 1.52
C6 GF2 A 20 2.48 -3.23 1.78
O6 GF2 A 20 1.76 -2.24 1.70
N7 GF2 A 20 0.95 -5.21 1.14
C8 GF2 A 20 1.26 -6.48 1.07
N9 GF2 A 20 2.59 -6.76 1.31
C1' GF2 A 20 3.35 -8.02 1.22
OP2 GF2 A 20 -0.03 -8.03 -3.07
C2' GF2 A 20 2.48 -9.26 1.03
OP1 GF2 A 20 2.14 -8.00 -4.40
C3' GF2 A 20 3.39 -10.21 0.24
O3' GF2 A 20 4.43 -10.95 0.86
C4' GF2 A 20 4.11 -9.17 -0.65
O4' GF2 A 20 4.24 -7.97 0.10
C5' GF2 A 20 3.44 -8.87 -2.00
O5' GF2 A 20 2.16 -8.26 -1.89
HN1 GF2 A 20 4.06 -2.10 2.41
HN2 GF2 A 20 6.16 -2.81 2.94
HN2A GF2 A 20 6.56 -4.51 2.77
H8 GF2 A 20 0.54 -7.25 0.80
H1' GF2 A 20 3.95 -8.15 2.13
H2' GF2 A 20 1.63 -9.02 0.39
H3' GF2 A 20 2.78 -10.88 -0.36
H4' GF2 A 20 5.12 -9.55 -0.87
H5' GF2 A 20 3.36 -9.79 -2.57
H5'A GF2 A 20 4.11 -8.20 -2.56
F GF0 A 1 0.11 9.64 0.70
N1 GF0 A 1 0.76 3.27 1.28
C2 GF0 A 1 0.06 4.33 0.78
N2 GF0 A 1 -1.11 4.10 0.25
N3 GF0 A 1 0.49 5.59 0.76
C4 GF0 A 1 1.72 5.73 1.32
C5 GF0 A 1 2.51 4.75 1.87
C6 GF0 A 1 2.00 3.41 1.86
O6 GF0 A 1 2.56 2.39 2.27
N7 GF0 A 1 3.72 5.28 2.31
C8 GF0 A 1 3.63 6.55 2.01
N9 GF0 A 1 2.43 6.91 1.42
C1' GF0 A 1 1.99 8.21 0.86
C2' GF0 A 1 0.75 8.77 1.56
C3' GF0 A 1 1.39 9.49 2.75
O3' GF0 A 1 0.57 10.50 3.33
C4' GF0 A 1 2.62 10.10 2.05
O4' GF0 A 1 3.02 9.17 1.04
C5' GF0 A 1 3.74 10.45 3.03
O5' GF0 A 1 4.85 11.02 2.34
HN1 GF0 A 1 0.39 2.34 1.21
HN2 GF0 A 1 -1.51 3.17 0.21
HN2A GF0 A 1 -1.62 4.88 -0.12
H8 GF0 A 1 4.44 7.26 2.20
H1' GF0 A 1 1.79 8.08 -0.21
H2' GF0 A 1 0.04 8.00 1.88
H3' GF0 A 1 1.73 8.77 3.49
H4' GF0 A 1 2.29 11.01 1.55
H5'A GF0 A 1 3.35 11.17 3.76
H5' GF0 A 1 4.04 9.55 3.56
H5T GF0 A 1 5.45 11.45 2.99
F GF2 A 6 -6.72 -0.25 0.21
P GF2 A 6 -7.77 3.44 -3.03
N1 GF2 A 6 -0.69 -1.50 0.38
C2 GF2 A 6 -1.58 -2.31 -0.25
N2 GF2 A 6 -1.31 -3.59 -0.30
N3 GF2 A 6 -2.72 -1.90 -0.81
C4 GF2 A 6 -2.91 -0.55 -0.69
C5 GF2 A 6 -2.06 0.35 -0.10
C6 GF2 A 6 -0.84 -0.13 0.47
O6 GF2 A 6 0.05 0.51 1.03
N7 GF2 A 6 -2.59 1.65 -0.16
C8 GF2 A 6 -3.74 1.48 -0.77
N9 GF2 A 6 -3.99 0.18 -1.12
C1' GF2 A 6 -5.22 -0.40 -1.69
OP2 GF2 A 6 -8.81 3.57 -4.07
C2' GF2 A 6 -6.49 0.18 -1.08
OP1 GF2 A 6 -7.03 4.65 -2.59
C3' GF2 A 6 -7.49 -0.36 -2.11
O3' GF2 A 6 -7.67 -1.76 -1.94
C4' GF2 A 6 -6.71 -0.17 -3.42
O4' GF2 A 6 -5.32 -0.19 -3.09
C5' GF2 A 6 -7.06 1.13 -4.16
O5' GF2 A 6 -6.69 2.32 -3.46
HN1 GF2 A 6 0.11 -1.89 0.84
HN2 GF2 A 6 -0.47 -3.97 0.12
HN2A GF2 A 6 -1.97 -4.19 -0.77
H8 GF2 A 6 -4.42 2.29 -0.98
H1' GF2 A 6 -5.22 -1.48 -1.49
H2' GF2 A 6 -6.48 1.27 -1.12
H3' GF2 A 6 -8.44 0.18 -2.12
H4' GF2 A 6 -6.94 -1.01 -4.08
H5' GF2 A 6 -8.14 1.12 -4.37
H5'A GF2 A 6 -6.55 1.13 -5.12
F GF2 A 20 1.56 -9.76 1.55
P GF2 A 20 2.07 -7.72 -3.78
N1 GF2 A 20 3.81 -3.11 1.98
C2 GF2 A 20 4.68 -4.16 2.10
N2 GF2 A 20 5.87 -3.94 2.57
N3 GF2 A 20 4.37 -5.42 1.81
C4 GF2 A 20 3.08 -5.59 1.40
C5 GF2 A 20 2.13 -4.60 1.27
C6 GF2 A 20 2.51 -3.25 1.56
O6 GF2 A 20 1.83 -2.24 1.47
N7 GF2 A 20 0.92 -5.15 0.85
C8 GF2 A 20 1.18 -6.44 0.75
N9 GF2 A 20 2.48 -6.77 1.04
C1' GF2 A 20 3.17 -8.08 0.95
OP2 GF2 A 20 0.75 -8.37 -3.95
C2' GF2 A 20 2.28 -9.22 0.49
OP1 GF2 A 20 3.10 -7.92 -4.84
C3' GF2 A 20 3.26 -10.17 -0.18
O3' GF2 A 20 3.66 -11.19 0.75
C4' GF2 A 20 4.28 -9.16 -0.76
O4' GF2 A 20 4.25 -7.99 0.04
C5' GF2 A 20 3.95 -8.76 -2.21
O5' GF2 A 20 2.66 -8.16 -2.35
HN1 GF2 A 20 4.10 -2.18 2.24
HN2 GF2 A 20 6.14 -3.01 2.89
HN2A GF2 A 20 6.48 -4.73 2.68
H8 GF2 A 20 0.44 -7.16 0.44
H1' GF2 A 20 3.58 -8.33 1.94
H2' GF2 A 20 1.57 -8.87 -0.27
H3' GF2 A 20 2.74 -10.68 -1.01
H4' GF2 A 20 5.28 -9.56 -0.78
H5' GF2 A 20 3.99 -9.65 -2.84
H5'A GF2 A 20 4.72 -8.07 -2.57
F GF0 A 1 0.22 9.68 0.16
N1 GF0 A 1 0.89 3.40 1.25
C2 GF0 A 1 0.21 4.41 0.64
N2 GF0 A 1 -0.92 4.14 0.07
N3 GF0 A 1 0.62 5.68 0.60
C4 GF0 A 1 1.81 5.88 1.24
C5 GF0 A 1 2.56 4.93 1.88
C6 GF0 A 1 2.10 3.58 1.89
O6 GF0 A 1 2.63 2.59 2.39
N7 GF0 A 1 3.74 5.51 2.38
C8 GF0 A 1 3.65 6.76 2.04
N9 GF0 A 1 2.49 7.08 1.35
C1' GF0 A 1 2.11 8.35 0.69
C2' GF0 A 1 0.77 8.92 1.19
C3' GF0 A 1 1.21 9.81 2.37
O3' GF0 A 1 0.34 10.90 2.59
C4' GF0 A 1 2.58 10.30 1.87
O4' GF0 A 1 3.10 9.34 0.95
C5' GF0 A 1 3.56 10.58 3.02
O5' GF0 A 1 3.82 9.44 3.83
HN1 GF0 A 1 0.53 2.46 1.20
HN2 GF0 A 1 -1.32 3.20 0.08
HN2A GF0 A 1 -1.44 4.89 -0.36
H8 GF0 A 1 4.42 7.49 2.25
H1' GF0 A 1 2.04 8.16 -0.39
H2' GF0 A 1 0.07 8.16 1.51
H3' GF0 A 1 1.33 9.19 3.25
H4' GF0 A 1 2.42 11.23 1.32
H5'A GF0 A 1 4.50 10.94 2.58
H5' GF0 A 1 3.15 11.38 3.63
H5T GF0 A 1 4.32 9.70 4.61
F GF2 A 6 -6.59 -0.11 0.40
P GF2 A 6 -7.73 3.09 -3.24
N1 GF2 A 6 -0.53 -1.40 0.43
C2 GF2 A 6 -1.44 -2.27 -0.09
N2 GF2 A 6 -1.16 -3.54 -0.07
N3 GF2 A 6 -2.61 -1.92 -0.62
C4 GF2 A 6 -2.81 -0.56 -0.61
C5 GF2 A 6 -1.96 0.39 -0.11
C6 GF2 A 6 -0.72 -0.04 0.45
O6 GF2 A 6 0.17 0.65 0.95
N7 GF2 A 6 -2.50 1.67 -0.26
C8 GF2 A 6 -3.67 1.44 -0.82
N9 GF2 A 6 -3.92 0.11 -1.07
C1' GF2 A 6 -5.17 -0.53 -1.51
OP2 GF2 A 6 -8.80 3.15 -4.26
C2' GF2 A 6 -6.42 0.13 -0.95
OP1 GF2 A 6 -6.94 4.32 -2.97
C3' GF2 A 6 -7.45 -0.55 -1.84
O3' GF2 A 6 -7.65 -1.87 -1.37
C4' GF2 A 6 -6.74 -0.55 -3.20
O4' GF2 A 6 -5.33 -0.53 -2.93
C5' GF2 A 6 -7.13 0.64 -4.10
O5' GF2 A 6 -6.71 1.91 -3.59
HN1 GF2 A 6 0.30 -1.75 0.86
HN2 GF2 A 6 -0.29 -3.88 0.33
HN2A GF2 A 6 -1.82 -4.18 -0.45
H8 GF2 A 6 -4.36 2.23 -1.08
H1' GF2 A 6 -5.15 -1.57 -1.17
H2' GF2 A 6 -6.39 1.21 -1.14
H3' GF2 A 6 -8.38 0.01 -1.86
H4' GF2 A 6 -6.99 -1.47 -3.73
H5' GF2 A 6 -8.21 0.63 -4.24
H5'A GF2 A 6 -6.66 0.49 -5.07
F GF2 A 20 2.32 -9.61 1.84
P GF2 A 20 1.16 -7.72 -3.51
N1 GF2 A 20 3.97 -3.01 1.98
C2 GF2 A 20 4.89 -4.00 1.98
N2 GF2 A 20 6.10 -3.71 2.39
N3 GF2 A 20 4.66 -5.26 1.64
C4 GF2 A 20 3.35 -5.48 1.30
C5 GF2 A 20 2.34 -4.56 1.29
C6 GF2 A 20 2.66 -3.20 1.62
O6 GF2 A 20 1.91 -2.23 1.63
N7 GF2 A 20 1.12 -5.16 0.92
C8 GF2 A 20 1.45 -6.41 0.72
N9 GF2 A 20 2.80 -6.67 0.90
C1' GF2 A 20 3.57 -7.92 0.70
OP2 GF2 A 20 -0.23 -8.17 -3.25
C2' GF2 A 20 2.71 -9.17 0.59
OP1 GF2 A 20 1.78 -8.09 -4.81
C3' GF2 A 20 3.58 -10.09 -0.27
O3' GF2 A 20 4.72 -10.75 0.30
C4' GF2 A 20 4.18 -9.05 -1.23
O4' GF2 A 20 4.33 -7.83 -0.50
C5' GF2 A 20 3.38 -8.77 -2.52
O5' GF2 A 20 2.07 -8.26 -2.31
HN1 GF2 A 20 4.23 -2.07 2.27
HN2 GF2 A 20 6.32 -2.79 2.75
HN2A GF2 A 20 6.77 -4.47 2.44
H8 GF2 A 20 0.74 -7.16 0.41
H1' GF2 A 20 4.27 -8.05 1.53
H2' GF2 A 20 1.81 -8.96 0.02
H3' GF2 A 20 2.97 -10.82 -0.80
H4' GF2 A 20 5.17 -9.39 -1.55
H5' GF2 A 20 3.30 -9.71 -3.08
H5'A GF2 A 20 3.94 -8.07 -3.14
F GF0 A 1 0.34 9.36 -0.93
N1 GF0 A 1 0.68 3.40 1.21
C2 GF0 A 1 0.06 4.35 0.46
N2 GF0 A 1 -1.07 4.05 -0.10
N3 GF0 A 1 0.52 5.59 0.26
C4 GF0 A 1 1.69 5.83 0.93
C5 GF0 A 1 2.39 4.96 1.73
C6 GF0 A 1 1.87 3.62 1.89
O6 GF0 A 1 2.34 2.69 2.52
N7 GF0 A 1 3.54 5.55 2.23
C8 GF0 A 1 3.50 6.76 1.72
N9 GF0 A 1 2.42 7.01 0.92
C1' GF0 A 1 2.14 8.19 0.06
C2' GF0 A 1 0.77 8.82 0.27
C3' GF0 A 1 1.05 9.90 1.31
O3' GF0 A 1 0.17 11.02 1.18
C4' GF0 A 1 2.50 10.30 0.99
O4' GF0 A 1 3.12 9.19 0.31
C5' GF0 A 1 3.33 10.68 2.23
O5' GF0 A 1 2.84 11.86 2.87
HN1 GF0 A 1 0.29 2.47 1.25
HN2 GF0 A 1 -1.50 3.14 0.02
HN2A GF0 A 1 -1.54 4.76 -0.64
H8 GF0 A 1 4.28 7.49 1.90
H1' GF0 A 1 2.22 7.85 -0.99
H2' GF0 A 1 0.02 8.12 0.64
H3' GF0 A 1 1.01 9.46 2.31
H4' GF0 A 1 2.49 11.14 0.31
H5'A GF0 A 1 3.31 9.85 2.94
H5' GF0 A 1 4.36 10.83 1.93
H5T GF0 A 1 1.92 11.72 3.17
F GF2 A 6 -6.63 -1.32 0.13
P GF2 A 6 -8.03 3.83 -2.29
N1 GF2 A 6 -1.06 -1.31 0.63
C2 GF2 A 6 -1.91 -2.20 0.05
N2 GF2 A 6 -1.60 -3.46 0.09
N3 GF2 A 6 -3.03 -1.87 -0.58
C4 GF2 A 6 -3.24 -0.52 -0.62
C5 GF2 A 6 -2.42 0.46 -0.10
C6 GF2 A 6 -1.24 0.06 0.60
O6 GF2 A 6 -0.39 0.76 1.13
N7 GF2 A 6 -2.94 1.73 -0.39
C8 GF2 A 6 -4.04 1.48 -1.04
N9 GF2 A 6 -4.31 0.13 -1.20
C1' GF2 A 6 -5.46 -0.52 -1.83
OP2 GF2 A 6 -7.70 4.36 -3.64
C2' GF2 A 6 -6.69 -0.44 -0.94
OP1 GF2 A 6 -7.42 4.49 -1.12
C3' GF2 A 6 -7.78 -0.74 -1.96
O3' GF2 A 6 -7.92 -2.12 -2.28
C4' GF2 A 6 -7.24 0.01 -3.20
O4' GF2 A 6 -5.83 0.13 -3.05
C5' GF2 A 6 -7.86 1.41 -3.38
O5' GF2 A 6 -7.63 2.27 -2.27
HN1 GF2 A 6 -0.26 -1.65 1.15
HN2 GF2 A 6 -0.72 -3.79 0.48
HN2A GF2 A 6 -2.24 -4.11 -0.35
H8 GF2 A 6 -4.70 2.25 -1.43
H1' GF2 A 6 -5.24 -1.57 -2.03
H2' GF2 A 6 -6.81 0.58 -0.57
H3' GF2 A 6 -8.74 -0.32 -1.66
H4' GF2 A 6 -7.47 -0.58 -4.09
H5' GF2 A 6 -8.94 1.30 -3.53
H5'A GF2 A 6 -7.44 1.85 -4.28
F GF2 A 20 2.33 -9.34 1.83
P GF2 A 20 2.45 -8.05 -4.97
N1 GF2 A 20 3.59 -2.86 1.79
C2 GF2 A 20 4.55 -3.81 1.69
N2 GF2 A 20 5.77 -3.50 2.06
N3 GF2 A 20 4.35 -5.06 1.28
C4 GF2 A 20 3.04 -5.31 1.01
C5 GF2 A 20 1.98 -4.43 1.11
C6 GF2 A 20 2.27 -3.08 1.50
O6 GF2 A 20 1.47 -2.14 1.61
N7 GF2 A 20 0.78 -5.09 0.80
C8 GF2 A 20 1.15 -6.31 0.54
N9 GF2 A 20 2.50 -6.51 0.59
C1' GF2 A 20 3.31 -7.72 0.33
OP2 GF2 A 20 1.47 -9.14 -5.19
C2' GF2 A 20 2.55 -9.04 0.49
OP1 GF2 A 20 3.30 -7.62 -6.11
C3' GF2 A 20 3.50 -9.98 -0.26
O3' GF2 A 20 4.72 -10.30 0.41
C4' GF2 A 20 3.88 -9.07 -1.45
O4' GF2 A 20 3.83 -7.72 -0.98
C5' GF2 A 20 2.94 -9.23 -2.65
O5' GF2 A 20 3.42 -8.47 -3.75
HN1 GF2 A 20 3.83 -1.92 2.11
HN2 GF2 A 20 5.97 -2.61 2.50
HN2A GF2 A 20 6.46 -4.22 2.02
H8 GF2 A 20 0.44 -7.10 0.29
H1' GF2 A 20 4.15 -7.73 1.02
H2' GF2 A 20 1.61 -9.00 -0.03
H3' GF2 A 20 2.99 -10.88 -0.60
H4' GF2 A 20 4.89 -9.31 -1.76
H5' GF2 A 20 1.95 -8.88 -2.36
H5'A GF2 A 20 2.88 -10.28 -2.93
F GF0 A 1 -0.07 9.41 -0.51
N1 GF0 A 1 0.69 3.40 1.04
C2 GF0 A 1 -0.02 4.39 0.43
N2 GF0 A 1 -1.19 4.08 -0.07
N3 GF0 A 1 0.39 5.65 0.30
C4 GF0 A 1 1.61 5.87 0.87
C5 GF0 A 1 2.40 4.95 1.52
C6 GF0 A 1 1.92 3.60 1.63
O6 GF0 A 1 2.48 2.63 2.15
N7 GF0 A 1 3.59 5.54 1.95
C8 GF0 A 1 3.48 6.78 1.55
N9 GF0 A 1 2.31 7.06 0.90
C1' GF0 A 1 1.92 8.30 0.18
C2' GF0 A 1 0.56 8.90 0.61
C3' GF0 A 1 0.98 10.01 1.59
O3' GF0 A 1 0.05 11.09 1.62
C4' GF0 A 1 2.30 10.46 0.95
O4' GF0 A 1 2.91 9.31 0.39
C5' GF0 A 1 3.24 11.17 1.93
O5' GF0 A 1 3.64 10.35 3.02
HN1 GF0 A 1 0.32 2.46 1.07
HN2 GF0 A 1 -1.58 3.15 0.01
HN2A GF0 A 1 -1.71 4.82 -0.50
H8 GF0 A 1 4.28 7.50 1.69
H1' GF0 A 1 1.86 8.07 -0.89
H2' GF0 A 1 -0.09 8.17 1.11
H3' GF0 A 1 1.16 9.60 2.57
H4' GF0 A 1 2.06 11.15 0.14
H5'A GF0 A 1 4.12 11.53 1.39
H5' GF0 A 1 2.72 12.06 2.32
H5T GF0 A 1 4.26 9.67 2.68
F GF2 A 6 -6.91 -0.83 -0.13
P GF2 A 6 -8.02 3.46 -2.88
N1 GF2 A 6 -0.95 -1.35 0.52
C2 GF2 A 6 -1.80 -2.24 -0.06
N2 GF2 A 6 -1.45 -3.51 -0.01
N3 GF2 A 6 -2.94 -1.92 -0.66
C4 GF2 A 6 -3.16 -0.57 -0.68
C5 GF2 A 6 -2.37 0.41 -0.14
C6 GF2 A 6 -1.16 0.01 0.52
O6 GF2 A 6 -0.32 0.73 1.06
N7 GF2 A 6 -2.92 1.68 -0.36
C8 GF2 A 6 -4.01 1.42 -1.03
N9 GF2 A 6 -4.23 0.09 -1.26
C1' GF2 A 6 -5.38 -0.54 -1.95
OP2 GF2 A 6 -9.13 3.54 -3.85
C2' GF2 A 6 -6.71 -0.15 -1.31
OP1 GF2 A 6 -7.31 4.71 -2.48
C3' GF2 A 6 -7.68 -0.47 -2.45
O3' GF2 A 6 -7.99 -1.85 -2.63
C4' GF2 A 6 -6.84 -0.07 -3.67
O4' GF2 A 6 -5.46 -0.10 -3.31
C5' GF2 A 6 -7.22 1.31 -4.25
O5' GF2 A 6 -6.91 2.40 -3.38
HN1 GF2 A 6 -0.09 -1.67 0.95
HN2 GF2 A 6 -0.58 -3.81 0.42
HN2A GF2 A 6 -2.07 -4.17 -0.42
H8 GF2 A 6 -4.69 2.20 -1.38
H1' GF2 A 6 -5.28 -1.63 -1.93
H2' GF2 A 6 -6.72 0.92 -1.12
H3' GF2 A 6 -8.59 0.13 -2.38
H4' GF2 A 6 -7.00 -0.80 -4.47
H5' GF2 A 6 -8.28 1.30 -4.50
H5'A GF2 A 6 -6.67 1.45 -5.19
F GF2 A 20 2.12 -9.51 2.13
P GF2 A 20 1.40 -7.71 -3.36
N1 GF2 A 20 3.72 -2.78 1.85
C2 GF2 A 20 4.66 -3.77 1.95
N2 GF2 A 20 5.86 -3.43 2.33
N3 GF2 A 20 4.43 -5.05 1.75
C4 GF2 A 20 3.14 -5.33 1.44
C5 GF2 A 20 2.11 -4.42 1.31
C6 GF2 A 20 2.41 -3.03 1.50
O6 GF2 A 20 1.65 -2.08 1.41
N7 GF2 A 20 0.91 -5.08 1.00
C8 GF2 A 20 1.27 -6.34 0.94
N9 GF2 A 20 2.61 -6.56 1.14
C1' GF2 A 20 3.41 -7.81 1.06
OP2 GF2 A 20 0.02 -8.24 -3.24
C2' GF2 A 20 2.58 -9.08 0.89
OP1 GF2 A 20 2.16 -8.05 -4.58
C3' GF2 A 20 3.50 -10.01 0.09
O3' GF2 A 20 4.56 -10.72 0.73
C4' GF2 A 20 4.21 -8.96 -0.80
O4' GF2 A 20 4.30 -7.75 -0.05
C5' GF2 A 20 3.55 -8.68 -2.17
O5' GF2 A 20 2.21 -8.20 -2.06
HN1 GF2 A 20 3.98 -1.83 2.03
HN2 GF2 A 20 6.09 -2.48 2.60
HN2A GF2 A 20 6.54 -4.17 2.44
H8 GF2 A 20 0.56 -7.14 0.71
H1' GF2 A 20 4.01 -7.92 1.96
H2' GF2 A 20 1.71 -8.87 0.27
H3' GF2 A 20 2.91 -10.70 -0.51
H4' GF2 A 20 5.22 -9.31 -1.01
H5' GF2 A 20 3.55 -9.61 -2.74
H5'A GF2 A 20 4.16 -7.95 -2.69
F GF0 A 1 0.21 9.72 0.39
N1 GF0 A 1 0.81 3.47 1.46
C2 GF0 A 1 0.09 4.51 0.97
N2 GF0 A 1 -1.09 4.25 0.46
N3 GF0 A 1 0.52 5.77 0.92
C4 GF0 A 1 1.77 5.93 1.45
C5 GF0 A 1 2.57 4.96 2.00
C6 GF0 A 1 2.07 3.61 2.02
O6 GF0 A 1 2.63 2.60 2.44
N7 GF0 A 1 3.79 5.49 2.39
C8 GF0 A 1 3.70 6.75 2.08
N9 GF0 A 1 2.50 7.11 1.49
C1' GF0 A 1 2.12 8.39 0.84
C2' GF0 A 1 0.86 9.05 1.42
C3' GF0 A 1 1.45 10.03 2.44
O3' GF0 A 1 0.64 11.17 2.69
C4' GF0 A 1 2.74 10.44 1.72
O4' GF0 A 1 3.19 9.31 0.98
C5' GF0 A 1 3.81 10.94 2.70
O5' GF0 A 1 5.03 11.26 2.02
HN1 GF0 A 1 0.44 2.53 1.41
HN2 GF0 A 1 -1.45 3.30 0.42
HN2A GF0 A 1 -1.61 5.02 0.08
H8 GF0 A 1 4.52 7.45 2.22
H1' GF0 A 1 1.95 8.18 -0.22
H2' GF0 A 1 0.16 8.35 1.90
H3' GF0 A 1 1.71 9.51 3.36
H4' GF0 A 1 2.50 11.24 1.02
H5'A GF0 A 1 3.44 11.82 3.22
H5' GF0 A 1 4.01 10.16 3.45
H5T GF0 A 1 5.30 10.49 1.49
F GF2 A 6 -6.65 -0.79 -0.06
P GF2 A 6 -7.89 3.90 -3.26
N1 GF2 A 6 -0.78 -1.28 0.56
C2 GF2 A 6 -1.64 -2.14 -0.04
N2 GF2 A 6 -1.35 -3.41 -0.01
N3 GF2 A 6 -2.77 -1.78 -0.66
C4 GF2 A 6 -2.96 -0.42 -0.66
C5 GF2 A 6 -2.14 0.52 -0.10
C6 GF2 A 6 -0.96 0.08 0.58
O6 GF2 A 6 -0.11 0.77 1.16
N7 GF2 A 6 -2.64 1.81 -0.35
C8 GF2 A 6 -3.73 1.59 -1.03
N9 GF2 A 6 -4.01 0.26 -1.23
C1' GF2 A 6 -5.17 -0.35 -1.92
OP2 GF2 A 6 -9.23 3.74 -3.90
C2' GF2 A 6 -6.50 -0.05 -1.21
OP1 GF2 A 6 -6.86 4.72 -3.94
C3' GF2 A 6 -7.49 -0.36 -2.33
O3' GF2 A 6 -7.78 -1.75 -2.49
C4' GF2 A 6 -6.70 0.11 -3.56
O4' GF2 A 6 -5.32 0.18 -3.23
C5' GF2 A 6 -7.19 1.48 -4.06
O5' GF2 A 6 -7.28 2.43 -3.01
HN1 GF2 A 6 0.04 -1.64 1.03
HN2 GF2 A 6 -0.50 -3.77 0.42
HN2A GF2 A 6 -1.99 -4.05 -0.46
H8 GF2 A 6 -4.35 2.38 -1.42
H1' GF2 A 6 -5.05 -1.43 -1.97
H2' GF2 A 6 -6.54 1.01 -0.97
H3' GF2 A 6 -8.41 0.20 -2.22
H4' GF2 A 6 -6.84 -0.60 -4.37
H5' GF2 A 6 -8.19 1.35 -4.50
H5'A GF2 A 6 -6.52 1.84 -4.84
F GF2 A 20 2.20 -9.44 2.40
P GF2 A 20 1.98 -7.63 -4.23
N1 GF2 A 20 3.78 -2.94 2.00
C2 GF2 A 20 4.68 -3.95 2.05
N2 GF2 A 20 5.89 -3.70 2.48
N3 GF2 A 20 4.42 -5.23 1.74
C4 GF2 A 20 3.12 -5.43 1.40
C5 GF2 A 20 2.12 -4.47 1.34
C6 GF2 A 20 2.47 -3.12 1.63
O6 GF2 A 20 1.74 -2.12 1.59
N7 GF2 A 20 0.90 -5.06 1.00
C8 GF2 A 20 1.20 -6.34 0.87
N9 GF2 A 20 2.54 -6.62 1.05
C1' GF2 A 20 3.26 -7.90 0.90
OP2 GF2 A 20 0.67 -8.35 -4.21
C2' GF2 A 20 2.39 -9.14 1.06
OP1 GF2 A 20 2.70 -7.51 -5.51
C3' GF2 A 20 3.14 -10.15 0.19
O3' GF2 A 20 4.35 -10.73 0.71
C4' GF2 A 20 3.56 -9.23 -0.97
O4' GF2 A 20 3.85 -7.96 -0.40
C5' GF2 A 20 2.47 -9.06 -2.04
O5' GF2 A 20 2.96 -8.32 -3.15
HN1 GF2 A 20 4.06 -2.01 2.28
HN2 GF2 A 20 6.14 -2.78 2.84
HN2A GF2 A 20 6.53 -4.47 2.55
H8 GF2 A 20 0.46 -7.09 0.62
H1' GF2 A 20 4.07 -7.94 1.64
H2' GF2 A 20 1.41 -8.98 0.60
H3' GF2 A 20 2.47 -10.94 -0.15
H4' GF2 A 20 4.45 -9.65 -1.46
H5' GF2 A 20 1.61 -8.55 -1.61
H5'A GF2 A 20 2.15 -10.04 -2.39
F GF0 A 1 -0.06 9.64 -0.05
N1 GF0 A 1 0.69 3.46 1.28
C2 GF0 A 1 -0.01 4.45 0.68
N2 GF0 A 1 -1.19 4.16 0.19
N3 GF0 A 1 0.40 5.71 0.55
C4 GF0 A 1 1.62 5.92 1.10
C5 GF0 A 1 2.42 5.00 1.72
C6 GF0 A 1 1.94 3.64 1.83
O6 GF0 A 1 2.51 2.68 2.33
N7 GF0 A 1 3.63 5.58 2.13
C8 GF0 A 1 3.52 6.82 1.74
N9 GF0 A 1 2.31 7.11 1.12
C1' GF0 A 1 1.89 8.37 0.43
C2' GF0 A 1 0.58 8.97 0.98
C3' GF0 A 1 1.09 9.93 2.06
O3' GF0 A 1 0.22 11.05 2.24
C4' GF0 A 1 2.43 10.38 1.47
O4' GF0 A 1 2.89 9.36 0.57
C5' GF0 A 1 3.48 10.71 2.53
O5' GF0 A 1 3.77 9.61 3.39
HN1 GF0 A 1 0.32 2.52 1.32
HN2 GF0 A 1 -1.58 3.23 0.24
HN2A GF0 A 1 -1.71 4.90 -0.25
H8 GF0 A 1 4.30 7.56 1.87
H1' GF0 A 1 1.75 8.13 -0.63
H2' GF0 A 1 -0.09 8.22 1.40
H3' GF0 A 1 1.25 9.38 2.99
H4' GF0 A 1 2.25 11.28 0.88
H5'A GF0 A 1 4.39 11.04 2.03
H5' GF0 A 1 3.11 11.54 3.14
H5T GF0 A 1 4.39 9.89 4.09
F GF2 A 6 -6.90 -0.06 0.36
P GF2 A 6 -8.38 3.15 -3.11
N1 GF2 A 6 -0.93 -1.28 0.51
C2 GF2 A 6 -1.77 -2.14 -0.14
N2 GF2 A 6 -1.44 -3.39 -0.19
N3 GF2 A 6 -2.91 -1.79 -0.72
C4 GF2 A 6 -3.15 -0.44 -0.66
C5 GF2 A 6 -2.33 0.52 -0.09
C6 GF2 A 6 -1.13 0.08 0.56
O6 GF2 A 6 -0.29 0.77 1.13
N7 GF2 A 6 -2.88 1.79 -0.25
C8 GF2 A 6 -4.01 1.57 -0.88
N9 GF2 A 6 -4.24 0.23 -1.14
C1' GF2 A 6 -5.50 -0.41 -1.59
OP2 GF2 A 6 -9.56 3.04 -4.01
C2' GF2 A 6 -6.75 0.22 -0.98
OP1 GF2 A 6 -7.71 4.45 -2.95
C3' GF2 A 6 -7.80 -0.44 -1.86
O3' GF2 A 6 -8.01 -1.79 -1.44
C4' GF2 A 6 -7.11 -0.40 -3.24
O4' GF2 A 6 -5.70 -0.31 -3.00
C5' GF2 A 6 -7.59 0.78 -4.10
O5' GF2 A 6 -7.26 2.06 -3.57
HN1 GF2 A 6 -0.11 -1.63 0.97
HN2 GF2 A 6 -0.56 -3.74 0.21
HN2A GF2 A 6 -2.05 -4.02 -0.66
H8 GF2 A 6 -4.68 2.35 -1.18
H1' GF2 A 6 -5.48 -1.46 -1.30
H2' GF2 A 6 -6.75 1.30 -1.14
H3' GF2 A 6 -8.73 0.12 -1.84
H4' GF2 A 6 -7.33 -1.33 -3.77
H5' GF2 A 6 -8.66 0.68 -4.25
H5'A GF2 A 6 -7.12 0.68 -5.08
F GF2 A 20 2.14 -9.28 2.44
P GF2 A 20 2.39 -8.50 -4.45
N1 GF2 A 20 3.71 -2.86 1.76
C2 GF2 A 20 4.61 -3.87 1.86
N2 GF2 A 20 5.82 -3.60 2.30
N3 GF2 A 20 4.36 -5.16 1.60
C4 GF2 A 20 3.05 -5.37 1.25
C5 GF2 A 20 2.06 -4.42 1.14
C6 GF2 A 20 2.40 -3.04 1.39
O6 GF2 A 20 1.68 -2.06 1.31
N7 GF2 A 20 0.84 -5.03 0.82
C8 GF2 A 20 1.15 -6.31 0.75
N9 GF2 A 20 2.48 -6.57 0.93
C1' GF2 A 20 3.24 -7.85 0.86
OP2 GF2 A 20 1.34 -9.54 -4.56
C2' GF2 A 20 2.40 -9.10 1.10
OP1 GF2 A 20 3.28 -8.26 -5.59
C3' GF2 A 20 3.28 -10.15 0.42
O3' GF2 A 20 4.45 -10.53 1.14
C4' GF2 A 20 3.75 -9.35 -0.81
O4' GF2 A 20 3.84 -7.99 -0.42
C5' GF2 A 20 2.77 -9.46 -2.00
O5' GF2 A 20 3.31 -8.82 -3.16
HN1 GF2 A 20 3.98 -1.92 2.01
HN2 GF2 A 20 6.06 -2.67 2.62
HN2A GF2 A 20 6.46 -4.37 2.41
H8 GF2 A 20 0.41 -7.07 0.52
H1' GF2 A 20 4.02 -7.83 1.62
H2' GF2 A 20 1.45 -9.04 0.55
H3' GF2 A 20 2.71 -11.03 0.12
H4' GF2 A 20 4.72 -9.72 -1.14
H5' GF2 A 20 1.82 -9.00 -1.73
H5'A GF2 A 20 2.59 -10.51 -2.22
F GF0 A 1 0.23 9.59 0.16
N1 GF0 A 1 0.82 3.26 1.15
C2 GF0 A 1 0.14 4.28 0.58
N2 GF0 A 1 -1.03 4.02 0.05
N3 GF0 A 1 0.56 5.55 0.51
C4 GF0 A 1 1.78 5.73 1.10
C5 GF0 A 1 2.55 4.76 1.72
C6 GF0 A 1 2.05 3.41 1.76
O6 GF0 A 1 2.60 2.43 2.23
N7 GF0 A 1 3.75 5.31 2.18
C8 GF0 A 1 3.67 6.57 1.84
N9 GF0 A 1 2.49 6.90 1.19
C1' GF0 A 1 2.10 8.19 0.55
C2' GF0 A 1 0.81 8.80 1.13
C3' GF0 A 1 1.36 9.64 2.30
O3' GF0 A 1 0.53 10.76 2.61
C4' GF0 A 1 2.69 10.11 1.71
O4' GF0 A 1 3.14 9.15 0.76
C5' GF0 A 1 3.77 10.38 2.79
O5' GF0 A 1 4.04 9.24 3.59
HN1 GF0 A 1 0.43 2.33 1.15
HN2 GF0 A 1 -1.43 3.08 0.09
HN2A GF0 A 1 -1.54 4.77 -0.35
H8 GF0 A 1 4.46 7.29 2.02
H1' GF0 A 1 1.97 8.01 -0.52
H2' GF0 A 1 0.10 8.05 1.48
H3' GF0 A 1 1.53 9.00 3.16
H4' GF0 A 1 2.51 11.05 1.18
H5'A GF0 A 1 4.67 10.72 2.30
H5' GF0 A 1 3.41 11.20 3.43
H5T GF0 A 1 4.63 9.50 4.34
F GF2 A 6 -6.84 -0.95 -0.08
P GF2 A 6 -8.14 3.58 -3.38
N1 GF2 A 6 -0.88 -1.48 0.58
C2 GF2 A 6 -1.76 -2.35 0.02
N2 GF2 A 6 -1.46 -3.63 0.06
N3 GF2 A 6 -2.90 -2.00 -0.58
C4 GF2 A 6 -3.09 -0.65 -0.61
C5 GF2 A 6 -2.25 0.31 -0.10
C6 GF2 A 6 -1.05 -0.11 0.56
O6 GF2 A 6 -0.17 0.58 1.07
N7 GF2 A 6 -2.74 1.59 -0.36
C8 GF2 A 6 -3.86 1.36 -1.01
N9 GF2 A 6 -4.14 0.03 -1.20
C1' GF2 A 6 -5.29 -0.58 -1.89
OP2 GF2 A 6 -9.46 3.26 -3.97
C2' GF2 A 6 -6.63 -0.24 -1.25
OP1 GF2 A 6 -7.23 4.49 -4.11
C3' GF2 A 6 -7.60 -0.56 -2.40
O3' GF2 A 6 -7.91 -1.94 -2.54
C4' GF2 A 6 -6.75 -0.13 -3.61
O4' GF2 A 6 -5.38 -0.08 -3.22
C5' GF2 A 6 -7.20 1.24 -4.16
O5' GF2 A 6 -7.35 2.20 -3.12
HN1 GF2 A 6 -0.07 -1.83 1.06
HN2 GF2 A 6 -0.60 -3.96 0.49
HN2A GF2 A 6 -2.11 -4.27 -0.35
H8 GF2 A 6 -4.49 2.15 -1.40
H1' GF2 A 6 -5.17 -1.67 -1.92
H2' GF2 A 6 -6.66 0.83 -1.04
H3' GF2 A 6 -8.50 0.04 -2.33
H4' GF2 A 6 -6.86 -0.87 -4.40
H5' GF2 A 6 -8.16 1.10 -4.66
H5'A GF2 A 6 -6.48 1.59 -4.89
F GF2 A 20 2.07 -9.67 1.85
P GF2 A 20 1.07 -7.74 -3.54
N1 GF2 A 20 3.67 -3.04 2.02
C2 GF2 A 20 4.62 -4.00 1.96
N2 GF2 A 20 5.84 -3.69 2.28
N3 GF2 A 20 4.40 -5.27 1.62
C4 GF2 A 20 3.09 -5.53 1.34
C5 GF2 A 20 2.05 -4.63 1.38
C6 GF2 A 20 2.34 -3.26 1.72
O6 GF2 A 20 1.57 -2.32 1.78
N7 GF2 A 20 0.85 -5.26 1.05
C8 GF2 A 20 1.20 -6.50 0.82
N9 GF2 A 20 2.55 -6.73 0.96
C1' GF2 A 20 3.34 -7.97 0.76
OP2 GF2 A 20 -0.32 -8.25 -3.34
C2' GF2 A 20 2.49 -9.22 0.62
OP1 GF2 A 20 1.76 -8.05 -4.81
C3' GF2 A 20 3.38 -10.14 -0.26
O3' GF2 A 20 4.47 -10.86 0.30
C4' GF2 A 20 4.02 -9.07 -1.17
O4' GF2 A 20 4.13 -7.87 -0.42
C5' GF2 A 20 3.26 -8.78 -2.48
O5' GF2 A 20 1.94 -8.29 -2.30
HN1 GF2 A 20 3.93 -2.09 2.25
HN2 GF2 A 20 6.08 -2.77 2.65
HN2A GF2 A 20 6.54 -4.42 2.26
H8 GF2 A 20 0.50 -7.27 0.54
H1' GF2 A 20 4.01 -8.11 1.62
H2' GF2 A 20 1.60 -9.00 0.02
H3' GF2 A 20 2.75 -10.82 -0.84
H4' GF2 A 20 5.02 -9.41 -1.45
H5' GF2 A 20 3.23 -9.69 -3.07
H5'A GF2 A 20 3.85 -8.04 -3.05
F GF0 A 1 0.35 9.48 0.14
N1 GF0 A 1 0.72 3.28 1.27
C2 GF0 A 1 0.10 4.34 0.70
N2 GF0 A 1 -1.05 4.14 0.11
N3 GF0 A 1 0.57 5.59 0.67
C4 GF0 A 1 1.76 5.72 1.33
C5 GF0 A 1 2.46 4.72 1.96
C6 GF0 A 1 1.94 3.39 1.93
O6 GF0 A 1 2.43 2.37 2.40
N7 GF0 A 1 3.64 5.23 2.50
C8 GF0 A 1 3.62 6.49 2.18
N9 GF0 A 1 2.50 6.87 1.48
C1' GF0 A 1 2.21 8.17 0.82
C2' GF0 A 1 0.86 8.78 1.23
C3' GF0 A 1 1.24 9.71 2.38
O3' GF0 A 1 0.37 10.83 2.49
C4' GF0 A 1 2.65 10.15 1.96
O4' GF0 A 1 3.22 9.11 1.18
C5' GF0 A 1 3.59 10.50 3.13
O5' GF0 A 1 3.19 11.68 3.82
HN1 GF0 A 1 0.31 2.36 1.23
HN2 GF0 A 1 -1.47 3.22 0.09
HN2A GF0 A 1 -1.51 4.93 -0.31
H8 GF0 A 1 4.43 7.17 2.42
H1' GF0 A 1 2.21 8.01 -0.26
H2' GF0 A 1 0.13 8.04 1.55
H3' GF0 A 1 1.30 9.14 3.31
H4' GF0 A 1 2.55 11.03 1.33
H5'A GF0 A 1 3.60 9.66 3.83
H5' GF0 A 1 4.59 10.64 2.74
H5T GF0 A 1 2.39 11.49 4.36
F GF2 A 6 -6.38 -0.86 -0.16
P GF2 A 6 -8.01 3.74 -3.37
N1 GF2 A 6 -0.85 -1.51 0.65
C2 GF2 A 6 -1.72 -2.33 0.02
N2 GF2 A 6 -1.48 -3.62 0.06
N3 GF2 A 6 -2.79 -1.92 -0.66
C4 GF2 A 6 -2.90 -0.56 -0.70
C5 GF2 A 6 -2.06 0.36 -0.12
C6 GF2 A 6 -0.94 -0.14 0.63
O6 GF2 A 6 -0.08 0.52 1.21
N7 GF2 A 6 -2.47 1.66 -0.41
C8 GF2 A 6 -3.53 1.48 -1.15
N9 GF2 A 6 -3.85 0.17 -1.36
C1' GF2 A 6 -5.02 -0.38 -2.08
OP2 GF2 A 6 -9.43 3.53 -3.78
C2' GF2 A 6 -6.31 -0.12 -1.32
OP1 GF2 A 6 -7.12 4.54 -4.24
C3' GF2 A 6 -7.32 -0.50 -2.42
O3' GF2 A 6 -7.47 -1.90 -2.57
C4' GF2 A 6 -6.60 0.05 -3.67
O4' GF2 A 6 -5.23 0.23 -3.35
C5' GF2 A 6 -7.22 1.36 -4.17
O5' GF2 A 6 -7.32 2.31 -3.12
HN1 GF2 A 6 -0.08 -1.90 1.18
HN2 GF2 A 6 -0.66 -4.00 0.51
HN2A GF2 A 6 -2.14 -4.23 -0.40
H8 GF2 A 6 -4.10 2.31 -1.58
H1' GF2 A 6 -4.89 -1.46 -2.22
H2' GF2 A 6 -6.40 0.94 -1.10
H3' GF2 A 6 -8.28 -0.02 -2.26
H4' GF2 A 6 -6.68 -0.69 -4.47
H5' GF2 A 6 -8.22 1.14 -4.56
H5'A GF2 A 6 -6.61 1.75 -4.97
F GF2 A 20 1.97 -9.56 1.91
P GF2 A 20 1.08 -8.17 -3.66
N1 GF2 A 20 3.75 -3.01 1.98
C2 GF2 A 20 4.68 -4.00 1.90
N2 GF2 A 20 5.90 -3.73 2.22
N3 GF2 A 20 4.42 -5.26 1.56
C4 GF2 A 20 3.10 -5.48 1.31
C5 GF2 A 20 2.08 -4.56 1.36
C6 GF2 A 20 2.41 -3.21 1.70
O6 GF2 A 20 1.66 -2.24 1.78
N7 GF2 A 20 0.85 -5.17 1.07
C8 GF2 A 20 1.17 -6.42 0.86
N9 GF2 A 20 2.53 -6.68 0.95
C1' GF2 A 20 3.30 -7.93 0.76
OP2 GF2 A 20 -0.25 -8.81 -3.48
C2' GF2 A 20 2.42 -9.17 0.66
OP1 GF2 A 20 1.86 -8.47 -4.88
C3' GF2 A 20 3.32 -10.14 -0.14
O3' GF2 A 20 4.40 -10.86 0.46
C4' GF2 A 20 4.00 -9.12 -1.09
O4' GF2 A 20 4.07 -7.86 -0.43
C5' GF2 A 20 3.31 -8.95 -2.45
O5' GF2 A 20 1.96 -8.52 -2.35
HN1 GF2 A 20 4.02 -2.08 2.24
HN2 GF2 A 20 6.16 -2.82 2.61
HN2A GF2 A 20 6.57 -4.48 2.21
H8 GF2 A 20 0.45 -7.18 0.60
H1' GF2 A 20 3.98 -8.06 1.61
H2' GF2 A 20 1.56 -8.95 0.05
H3' GF2 A 20 2.69 -10.83 -0.70
H4' GF2 A 20 5.01 -9.46 -1.29
H5' GF2 A 20 3.34 -9.90 -2.99
H5'A GF2 A 20 3.88 -8.21 -3.03
#